data_1FBN
#
_entry.id   1FBN
#
_cell.length_a   121.407
_cell.length_b   43.264
_cell.length_c   55.303
_cell.angle_alpha   90.00
_cell.angle_beta   96.99
_cell.angle_gamma   90.00
#
_symmetry.space_group_name_H-M   'C 1 2 1'
#
loop_
_entity.id
_entity.type
_entity.pdbx_description
1 polymer 'MJ FIBRILLARIN HOMOLOGUE'
2 water water
#
_entity_poly.entity_id   1
_entity_poly.type   'polypeptide(L)'
_entity_poly.pdbx_seq_one_letter_code
;(MSE)EDIKIKEIFENIYEVDLGDGLKRIATKSIVKGKKVYDEKIIKIGDEEYRIWNPNKSKLAAAIIKGLKV(MSE)PI
KRDSKILYLGASAGTTPSHVADIADKGIVYAIEYAPRI(MSE)RELLDACAERENIIPILGDANKPQEYANIVEKVDVIY
EDVAQPNQAEILIKNAKWFLKKGGYG(MSE)IAIKARSIDVTKDPKEIFKEQKEILEAGGFKIVDEVDIEPFEKDHV
(MSE)FVGIWEGK
;
_entity_poly.pdbx_strand_id   A
#
# COMPACT_ATOMS: atom_id res chain seq x y z
N MSE A 1 23.98 -25.39 5.62
CA MSE A 1 23.13 -24.18 5.81
C MSE A 1 23.96 -22.97 6.21
O MSE A 1 25.09 -23.11 6.68
CB MSE A 1 22.04 -24.43 6.87
CG MSE A 1 22.53 -24.32 8.33
SE MSE A 1 21.23 -24.51 9.56
CE MSE A 1 20.58 -22.87 9.65
N GLU A 2 23.38 -21.79 6.03
CA GLU A 2 24.02 -20.53 6.39
C GLU A 2 23.20 -19.90 7.52
N ASP A 3 23.78 -18.88 8.16
CA ASP A 3 23.07 -18.19 9.24
C ASP A 3 21.83 -17.49 8.69
N ILE A 4 20.72 -17.59 9.41
CA ILE A 4 19.47 -16.96 9.02
C ILE A 4 19.22 -15.81 9.99
N LYS A 5 18.68 -14.72 9.49
CA LYS A 5 18.42 -13.56 10.33
C LYS A 5 17.14 -12.83 9.92
N ILE A 6 16.22 -12.69 10.88
CA ILE A 6 14.97 -11.98 10.65
C ILE A 6 14.97 -10.78 11.59
N LYS A 7 15.14 -9.58 11.04
CA LYS A 7 15.16 -8.38 11.86
C LYS A 7 14.08 -7.38 11.46
N GLU A 8 13.57 -6.67 12.45
CA GLU A 8 12.55 -5.68 12.22
C GLU A 8 13.10 -4.43 11.54
N ILE A 9 12.40 -4.00 10.50
CA ILE A 9 12.75 -2.79 9.77
C ILE A 9 11.51 -1.90 9.87
N PHE A 10 11.69 -0.59 9.74
CA PHE A 10 10.57 0.36 9.84
C PHE A 10 9.84 0.06 11.14
N GLU A 11 8.55 -0.24 11.07
CA GLU A 11 7.79 -0.59 12.27
C GLU A 11 6.86 -1.76 11.95
N ASN A 12 7.13 -2.90 12.58
CA ASN A 12 6.36 -4.12 12.38
C ASN A 12 6.46 -4.72 10.97
N ILE A 13 7.61 -4.52 10.33
CA ILE A 13 7.90 -5.09 9.02
C ILE A 13 9.21 -5.83 9.27
N TYR A 14 9.43 -6.95 8.59
CA TYR A 14 10.64 -7.73 8.84
C TYR A 14 11.49 -8.07 7.64
N GLU A 15 12.80 -7.88 7.81
CA GLU A 15 13.77 -8.20 6.77
C GLU A 15 14.18 -9.66 6.99
N VAL A 16 14.08 -10.46 5.94
CA VAL A 16 14.44 -11.87 6.02
C VAL A 16 15.70 -12.18 5.21
N ASP A 17 16.78 -12.52 5.91
CA ASP A 17 18.05 -12.86 5.26
C ASP A 17 18.33 -14.36 5.47
N LEU A 18 18.13 -15.13 4.42
CA LEU A 18 18.36 -16.58 4.47
C LEU A 18 19.82 -16.92 4.23
N GLY A 19 20.64 -15.89 3.97
CA GLY A 19 22.06 -16.08 3.73
C GLY A 19 22.45 -16.43 2.30
N ASP A 20 21.58 -16.13 1.35
CA ASP A 20 21.84 -16.43 -0.05
C ASP A 20 22.02 -15.18 -0.92
N GLY A 21 22.11 -14.03 -0.27
CA GLY A 21 22.28 -12.77 -0.99
C GLY A 21 21.01 -12.11 -1.51
N LEU A 22 19.89 -12.83 -1.47
CA LEU A 22 18.62 -12.28 -1.95
C LEU A 22 17.89 -11.48 -0.88
N LYS A 23 17.35 -10.33 -1.28
CA LYS A 23 16.61 -9.49 -0.35
C LYS A 23 15.20 -10.04 -0.21
N ARG A 24 14.74 -10.16 1.02
CA ARG A 24 13.40 -10.67 1.30
C ARG A 24 12.79 -9.96 2.50
N ILE A 25 11.47 -9.76 2.46
CA ILE A 25 10.76 -9.11 3.55
C ILE A 25 9.50 -9.86 3.91
N ALA A 26 8.98 -9.61 5.10
CA ALA A 26 7.78 -10.28 5.57
C ALA A 26 7.05 -9.48 6.63
N THR A 27 5.83 -9.91 6.94
CA THR A 27 5.02 -9.28 7.98
C THR A 27 4.62 -10.38 8.96
N LYS A 28 4.36 -9.99 10.19
CA LYS A 28 3.94 -10.92 11.22
C LYS A 28 2.42 -11.11 11.10
N SER A 29 2.01 -12.30 10.64
CA SER A 29 0.60 -12.62 10.43
C SER A 29 -0.34 -12.41 11.62
N ILE A 30 -1.48 -11.78 11.38
CA ILE A 30 -2.48 -11.58 12.43
C ILE A 30 -3.58 -12.65 12.39
N VAL A 31 -3.49 -13.56 11.42
CA VAL A 31 -4.43 -14.68 11.28
C VAL A 31 -3.57 -15.91 10.96
N LYS A 32 -3.05 -16.52 12.03
CA LYS A 32 -2.17 -17.68 11.90
C LYS A 32 -2.86 -18.93 11.37
N GLY A 33 -2.10 -19.70 10.59
CA GLY A 33 -2.62 -20.93 10.01
C GLY A 33 -3.35 -20.66 8.70
N LYS A 34 -3.15 -19.47 8.14
CA LYS A 34 -3.81 -19.12 6.88
C LYS A 34 -2.89 -18.46 5.88
N LYS A 35 -2.96 -18.94 4.64
CA LYS A 35 -2.20 -18.36 3.54
C LYS A 35 -3.22 -17.62 2.69
N VAL A 36 -3.00 -16.32 2.53
CA VAL A 36 -3.89 -15.48 1.74
C VAL A 36 -3.75 -15.76 0.24
N TYR A 37 -2.52 -15.81 -0.24
CA TYR A 37 -2.24 -16.05 -1.66
C TYR A 37 -1.11 -17.05 -1.91
N ASP A 38 -1.08 -18.10 -1.10
CA ASP A 38 -0.07 -19.16 -1.19
C ASP A 38 1.36 -18.63 -1.05
N GLU A 39 1.53 -17.66 -0.15
CA GLU A 39 2.83 -17.07 0.12
C GLU A 39 3.62 -18.03 1.01
N LYS A 40 4.95 -17.91 1.00
CA LYS A 40 5.78 -18.77 1.85
C LYS A 40 5.72 -18.26 3.29
N ILE A 41 5.78 -19.18 4.25
CA ILE A 41 5.72 -18.84 5.67
C ILE A 41 6.88 -19.38 6.49
N ILE A 42 7.36 -18.57 7.43
CA ILE A 42 8.43 -18.95 8.34
C ILE A 42 7.79 -18.98 9.73
N LYS A 43 7.45 -20.17 10.19
CA LYS A 43 6.80 -20.33 11.50
C LYS A 43 7.81 -20.53 12.62
N ILE A 44 7.90 -19.56 13.50
CA ILE A 44 8.81 -19.60 14.65
C ILE A 44 7.96 -19.70 15.90
N GLY A 45 7.79 -20.91 16.42
CA GLY A 45 6.98 -21.09 17.60
C GLY A 45 5.54 -20.84 17.20
N ASP A 46 4.93 -19.80 17.78
CA ASP A 46 3.55 -19.48 17.44
C ASP A 46 3.41 -18.36 16.41
N GLU A 47 4.48 -17.57 16.24
CA GLU A 47 4.49 -16.48 15.27
C GLU A 47 4.67 -17.00 13.84
N GLU A 48 3.97 -16.39 12.89
CA GLU A 48 4.08 -16.78 11.50
C GLU A 48 4.44 -15.57 10.64
N TYR A 49 5.62 -15.61 10.03
CA TYR A 49 6.06 -14.52 9.18
C TYR A 49 5.70 -14.84 7.73
N ARG A 50 4.86 -14.00 7.14
CA ARG A 50 4.43 -14.19 5.76
C ARG A 50 5.35 -13.48 4.78
N ILE A 51 6.00 -14.26 3.91
CA ILE A 51 6.90 -13.70 2.91
C ILE A 51 6.08 -12.81 1.99
N TRP A 52 6.44 -11.53 1.97
CA TRP A 52 5.78 -10.49 1.18
C TRP A 52 6.37 -10.41 -0.23
N ASN A 53 5.73 -11.09 -1.17
CA ASN A 53 6.19 -11.15 -2.57
C ASN A 53 6.08 -9.83 -3.36
N PRO A 54 7.23 -9.25 -3.75
CA PRO A 54 7.28 -8.00 -4.52
C PRO A 54 6.70 -8.12 -5.92
N ASN A 55 6.63 -9.35 -6.43
CA ASN A 55 6.07 -9.61 -7.75
C ASN A 55 4.54 -9.60 -7.69
N LYS A 56 4.00 -9.69 -6.48
CA LYS A 56 2.56 -9.71 -6.26
C LYS A 56 2.04 -8.49 -5.50
N SER A 57 2.95 -7.70 -4.94
CA SER A 57 2.59 -6.51 -4.16
C SER A 57 3.50 -5.33 -4.49
N LYS A 58 2.90 -4.25 -5.01
CA LYS A 58 3.67 -3.05 -5.37
C LYS A 58 4.34 -2.39 -4.16
N LEU A 59 3.72 -2.51 -2.98
CA LEU A 59 4.29 -1.94 -1.77
C LEU A 59 5.54 -2.73 -1.38
N ALA A 60 5.49 -4.05 -1.51
CA ALA A 60 6.65 -4.89 -1.21
C ALA A 60 7.76 -4.56 -2.21
N ALA A 61 7.38 -4.36 -3.46
CA ALA A 61 8.32 -4.02 -4.52
C ALA A 61 9.04 -2.71 -4.21
N ALA A 62 8.29 -1.73 -3.71
CA ALA A 62 8.83 -0.42 -3.36
C ALA A 62 9.85 -0.56 -2.23
N ILE A 63 9.52 -1.37 -1.22
CA ILE A 63 10.43 -1.59 -0.10
C ILE A 63 11.69 -2.30 -0.57
N ILE A 64 11.51 -3.35 -1.38
CA ILE A 64 12.65 -4.12 -1.90
C ILE A 64 13.56 -3.22 -2.74
N LYS A 65 12.95 -2.30 -3.50
CA LYS A 65 13.69 -1.37 -4.35
C LYS A 65 14.24 -0.12 -3.66
N GLY A 66 14.15 -0.07 -2.33
CA GLY A 66 14.72 1.08 -1.61
C GLY A 66 13.86 2.13 -0.94
N LEU A 67 12.57 1.86 -0.71
CA LEU A 67 11.70 2.83 -0.04
C LEU A 67 12.31 3.15 1.32
N LYS A 68 12.46 4.44 1.64
CA LYS A 68 13.03 4.88 2.92
C LYS A 68 11.98 5.44 3.88
N VAL A 69 10.90 5.97 3.32
CA VAL A 69 9.82 6.55 4.12
C VAL A 69 8.60 5.62 4.11
N MSE A 70 8.38 4.92 5.21
CA MSE A 70 7.24 4.02 5.34
C MSE A 70 6.44 4.51 6.54
O MSE A 70 6.75 4.19 7.69
CB MSE A 70 7.70 2.57 5.53
CG MSE A 70 6.56 1.59 5.81
SE MSE A 70 5.24 1.64 4.60
CE MSE A 70 4.53 0.03 4.84
N PRO A 71 5.41 5.33 6.29
CA PRO A 71 4.52 5.92 7.29
C PRO A 71 3.50 5.00 7.99
N ILE A 72 3.23 3.83 7.40
CA ILE A 72 2.27 2.91 7.99
C ILE A 72 2.87 2.27 9.24
N LYS A 73 2.27 2.57 10.40
CA LYS A 73 2.71 2.05 11.69
C LYS A 73 1.68 1.08 12.26
N ARG A 74 1.97 0.55 13.45
CA ARG A 74 1.07 -0.42 14.11
C ARG A 74 -0.31 0.13 14.42
N ASP A 75 -0.38 1.38 14.85
CA ASP A 75 -1.65 2.01 15.21
C ASP A 75 -2.21 2.95 14.13
N SER A 76 -1.68 2.86 12.92
CA SER A 76 -2.13 3.71 11.82
C SER A 76 -3.53 3.36 11.31
N LYS A 77 -4.26 4.38 10.90
CA LYS A 77 -5.57 4.18 10.31
C LYS A 77 -5.29 4.56 8.86
N ILE A 78 -5.49 3.61 7.96
CA ILE A 78 -5.22 3.87 6.56
C ILE A 78 -6.39 3.65 5.62
N LEU A 79 -6.45 4.51 4.60
CA LEU A 79 -7.49 4.45 3.58
C LEU A 79 -6.84 3.78 2.36
N TYR A 80 -7.32 2.59 2.03
CA TYR A 80 -6.78 1.81 0.91
C TYR A 80 -7.68 1.97 -0.31
N LEU A 81 -7.11 2.51 -1.39
CA LEU A 81 -7.84 2.73 -2.63
C LEU A 81 -7.23 1.90 -3.77
N GLY A 82 -8.07 1.20 -4.51
CA GLY A 82 -7.58 0.40 -5.62
C GLY A 82 -7.99 -1.06 -5.59
N ALA A 83 -8.19 -1.62 -6.78
CA ALA A 83 -8.58 -3.02 -6.93
C ALA A 83 -7.56 -3.97 -6.32
N SER A 84 -8.06 -4.97 -5.60
CA SER A 84 -7.17 -5.94 -4.96
C SER A 84 -7.90 -7.23 -4.63
N ALA A 85 -7.16 -8.33 -4.71
CA ALA A 85 -7.68 -9.65 -4.40
C ALA A 85 -7.31 -9.97 -2.94
N GLY A 86 -6.70 -9.00 -2.25
CA GLY A 86 -6.33 -9.17 -0.86
C GLY A 86 -4.86 -9.20 -0.52
N THR A 87 -4.00 -9.30 -1.53
CA THR A 87 -2.54 -9.37 -1.33
C THR A 87 -1.95 -8.27 -0.46
N THR A 88 -1.86 -7.05 -1.01
CA THR A 88 -1.30 -5.94 -0.23
C THR A 88 -2.12 -5.63 1.03
N PRO A 89 -3.47 -5.59 0.92
CA PRO A 89 -4.28 -5.32 2.11
C PRO A 89 -4.02 -6.27 3.28
N SER A 90 -3.74 -7.53 2.98
CA SER A 90 -3.47 -8.49 4.06
C SER A 90 -2.19 -8.15 4.82
N HIS A 91 -1.15 -7.75 4.10
CA HIS A 91 0.13 -7.38 4.71
C HIS A 91 0.04 -6.07 5.46
N VAL A 92 -0.72 -5.11 4.92
CA VAL A 92 -0.88 -3.82 5.57
C VAL A 92 -1.62 -4.02 6.90
N ALA A 93 -2.56 -4.97 6.91
CA ALA A 93 -3.32 -5.29 8.11
C ALA A 93 -2.43 -5.93 9.18
N ASP A 94 -1.43 -6.69 8.73
CA ASP A 94 -0.47 -7.31 9.63
C ASP A 94 0.35 -6.23 10.32
N ILE A 95 0.81 -5.25 9.53
CA ILE A 95 1.61 -4.15 10.03
C ILE A 95 0.82 -3.31 11.03
N ALA A 96 -0.33 -2.80 10.58
CA ALA A 96 -1.20 -1.98 11.43
C ALA A 96 -2.16 -2.86 12.25
N ASP A 97 -1.59 -3.75 13.05
CA ASP A 97 -2.37 -4.67 13.88
C ASP A 97 -3.14 -3.96 15.00
N LYS A 98 -2.71 -2.75 15.34
CA LYS A 98 -3.37 -1.95 16.37
C LYS A 98 -4.14 -0.80 15.70
N GLY A 99 -4.26 -0.88 14.37
CA GLY A 99 -4.96 0.14 13.61
C GLY A 99 -6.13 -0.36 12.78
N ILE A 100 -6.47 0.38 11.73
CA ILE A 100 -7.59 0.05 10.85
C ILE A 100 -7.26 0.33 9.39
N VAL A 101 -7.82 -0.50 8.51
CA VAL A 101 -7.62 -0.35 7.08
C VAL A 101 -8.98 -0.31 6.39
N TYR A 102 -9.34 0.85 5.85
CA TYR A 102 -10.59 1.00 5.11
C TYR A 102 -10.30 0.66 3.67
N ALA A 103 -10.92 -0.40 3.16
CA ALA A 103 -10.70 -0.85 1.79
C ALA A 103 -11.86 -0.43 0.89
N ILE A 104 -11.61 0.52 0.00
CA ILE A 104 -12.62 1.01 -0.93
C ILE A 104 -12.58 0.24 -2.26
N GLU A 105 -13.69 -0.40 -2.61
CA GLU A 105 -13.80 -1.15 -3.85
C GLU A 105 -15.13 -0.85 -4.54
N TYR A 106 -15.09 -0.64 -5.86
CA TYR A 106 -16.29 -0.32 -6.63
C TYR A 106 -17.11 -1.54 -7.05
N ALA A 107 -16.43 -2.56 -7.56
CA ALA A 107 -17.11 -3.77 -8.04
C ALA A 107 -17.37 -4.82 -6.96
N PRO A 108 -18.63 -5.25 -6.82
CA PRO A 108 -19.04 -6.26 -5.82
C PRO A 108 -18.23 -7.54 -5.96
N ARG A 109 -17.85 -7.88 -7.19
CA ARG A 109 -17.06 -9.09 -7.43
C ARG A 109 -15.63 -8.96 -6.93
N ILE A 110 -15.10 -7.74 -6.90
CA ILE A 110 -13.76 -7.51 -6.37
C ILE A 110 -13.84 -7.55 -4.84
N MSE A 111 -14.90 -6.95 -4.30
CA MSE A 111 -15.10 -6.93 -2.85
C MSE A 111 -15.34 -8.36 -2.34
O MSE A 111 -14.95 -8.70 -1.23
CB MSE A 111 -16.30 -6.04 -2.48
CG MSE A 111 -16.42 -5.76 -0.98
SE MSE A 111 -14.97 -4.88 -0.35
CE MSE A 111 -15.49 -3.25 -0.66
N ARG A 112 -15.95 -9.18 -3.18
CA ARG A 112 -16.24 -10.57 -2.83
C ARG A 112 -14.92 -11.32 -2.64
N GLU A 113 -13.98 -11.10 -3.57
CA GLU A 113 -12.67 -11.74 -3.52
C GLU A 113 -11.85 -11.20 -2.35
N LEU A 114 -11.91 -9.89 -2.15
CA LEU A 114 -11.18 -9.26 -1.05
C LEU A 114 -11.69 -9.79 0.29
N LEU A 115 -13.00 -9.99 0.39
CA LEU A 115 -13.62 -10.52 1.60
C LEU A 115 -13.22 -11.96 1.89
N ASP A 116 -12.98 -12.75 0.86
CA ASP A 116 -12.58 -14.15 1.02
C ASP A 116 -11.12 -14.28 1.44
N ALA A 117 -10.27 -13.42 0.87
CA ALA A 117 -8.84 -13.44 1.17
C ALA A 117 -8.51 -12.82 2.53
N CYS A 118 -9.20 -11.74 2.87
CA CYS A 118 -8.96 -11.05 4.15
C CYS A 118 -10.01 -11.42 5.19
N ALA A 119 -10.52 -12.64 5.05
CA ALA A 119 -11.53 -13.22 5.92
C ALA A 119 -11.47 -12.85 7.40
N GLU A 120 -10.51 -13.43 8.11
CA GLU A 120 -10.40 -13.19 9.55
C GLU A 120 -9.63 -11.96 10.02
N ARG A 121 -9.20 -11.12 9.08
CA ARG A 121 -8.47 -9.89 9.42
C ARG A 121 -9.52 -8.81 9.70
N GLU A 122 -9.98 -8.78 10.94
CA GLU A 122 -11.01 -7.85 11.36
C GLU A 122 -10.69 -6.36 11.41
N ASN A 123 -9.41 -6.01 11.25
CA ASN A 123 -9.03 -4.60 11.25
C ASN A 123 -9.18 -4.00 9.84
N ILE A 124 -9.61 -4.83 8.89
CA ILE A 124 -9.85 -4.40 7.52
C ILE A 124 -11.35 -4.16 7.39
N ILE A 125 -11.71 -2.92 7.08
CA ILE A 125 -13.11 -2.53 6.93
C ILE A 125 -13.47 -2.26 5.47
N PRO A 126 -14.23 -3.18 4.85
CA PRO A 126 -14.66 -3.07 3.46
C PRO A 126 -15.73 -2.01 3.27
N ILE A 127 -15.57 -1.22 2.22
CA ILE A 127 -16.52 -0.16 1.89
C ILE A 127 -16.76 -0.15 0.39
N LEU A 128 -17.96 -0.54 -0.02
CA LEU A 128 -18.30 -0.56 -1.45
C LEU A 128 -18.52 0.90 -1.85
N GLY A 129 -17.61 1.43 -2.67
CA GLY A 129 -17.75 2.81 -3.09
C GLY A 129 -16.90 3.21 -4.27
N ASP A 130 -17.02 4.48 -4.65
CA ASP A 130 -16.28 5.04 -5.76
C ASP A 130 -15.30 6.04 -5.16
N ALA A 131 -14.01 5.78 -5.34
CA ALA A 131 -12.98 6.67 -4.79
C ALA A 131 -13.06 8.08 -5.36
N ASN A 132 -13.76 8.23 -6.48
CA ASN A 132 -13.93 9.53 -7.11
C ASN A 132 -15.04 10.34 -6.44
N LYS A 133 -15.74 9.72 -5.50
CA LYS A 133 -16.81 10.36 -4.73
C LYS A 133 -16.60 10.02 -3.26
N PRO A 134 -15.54 10.58 -2.64
CA PRO A 134 -15.23 10.33 -1.23
C PRO A 134 -16.27 10.81 -0.23
N GLN A 135 -17.09 11.78 -0.61
CA GLN A 135 -18.12 12.30 0.28
C GLN A 135 -19.17 11.25 0.62
N GLU A 136 -19.32 10.26 -0.25
CA GLU A 136 -20.28 9.19 -0.04
C GLU A 136 -19.95 8.28 1.14
N TYR A 137 -18.67 8.12 1.45
CA TYR A 137 -18.27 7.28 2.58
C TYR A 137 -17.61 8.08 3.73
N ALA A 138 -17.82 9.39 3.73
CA ALA A 138 -17.25 10.27 4.76
C ALA A 138 -17.84 10.07 6.17
N ASN A 139 -19.02 9.46 6.25
CA ASN A 139 -19.64 9.20 7.56
C ASN A 139 -19.19 7.83 8.11
N ILE A 140 -18.27 7.17 7.40
CA ILE A 140 -17.76 5.86 7.83
C ILE A 140 -16.26 5.95 8.10
N VAL A 141 -15.54 6.53 7.14
CA VAL A 141 -14.10 6.67 7.25
C VAL A 141 -13.69 7.84 8.13
N GLU A 142 -13.06 7.53 9.25
CA GLU A 142 -12.58 8.55 10.18
C GLU A 142 -11.28 9.12 9.62
N LYS A 143 -10.82 10.24 10.17
CA LYS A 143 -9.58 10.83 9.69
C LYS A 143 -8.45 9.80 9.73
N VAL A 144 -7.73 9.67 8.61
CA VAL A 144 -6.66 8.68 8.50
C VAL A 144 -5.25 9.26 8.55
N ASP A 145 -4.29 8.40 8.88
CA ASP A 145 -2.88 8.77 8.97
C ASP A 145 -2.20 8.58 7.62
N VAL A 146 -2.66 7.58 6.86
CA VAL A 146 -2.07 7.27 5.57
C VAL A 146 -3.13 6.86 4.55
N ILE A 147 -2.91 7.26 3.31
CA ILE A 147 -3.77 6.86 2.21
C ILE A 147 -2.84 6.12 1.26
N TYR A 148 -3.22 4.90 0.92
CA TYR A 148 -2.44 4.09 -0.02
C TYR A 148 -3.31 3.94 -1.26
N GLU A 149 -2.79 4.36 -2.40
CA GLU A 149 -3.55 4.28 -3.65
C GLU A 149 -2.86 3.49 -4.75
N ASP A 150 -3.64 2.61 -5.38
CA ASP A 150 -3.17 1.77 -6.48
C ASP A 150 -4.31 1.65 -7.51
N VAL A 151 -4.56 2.75 -8.23
CA VAL A 151 -5.60 2.77 -9.25
C VAL A 151 -4.99 3.28 -10.55
N ALA A 152 -4.98 2.43 -11.56
CA ALA A 152 -4.41 2.76 -12.87
C ALA A 152 -5.42 3.53 -13.72
N GLN A 153 -5.55 4.81 -13.43
CA GLN A 153 -6.47 5.69 -14.15
C GLN A 153 -5.83 7.04 -14.38
N PRO A 154 -6.28 7.77 -15.43
CA PRO A 154 -5.76 9.08 -15.78
C PRO A 154 -5.95 10.12 -14.66
N ASN A 155 -6.99 9.93 -13.86
CA ASN A 155 -7.30 10.85 -12.76
C ASN A 155 -6.86 10.36 -11.38
N GLN A 156 -5.97 9.37 -11.33
CA GLN A 156 -5.49 8.83 -10.05
C GLN A 156 -4.92 9.87 -9.11
N ALA A 157 -4.20 10.86 -9.63
CA ALA A 157 -3.61 11.91 -8.80
C ALA A 157 -4.70 12.77 -8.13
N GLU A 158 -5.66 13.25 -8.92
CA GLU A 158 -6.73 14.09 -8.38
C GLU A 158 -7.55 13.29 -7.36
N ILE A 159 -7.64 11.98 -7.56
CA ILE A 159 -8.39 11.13 -6.64
C ILE A 159 -7.69 11.12 -5.27
N LEU A 160 -6.35 11.04 -5.27
CA LEU A 160 -5.60 11.03 -4.02
C LEU A 160 -5.78 12.38 -3.32
N ILE A 161 -5.75 13.46 -4.10
CA ILE A 161 -5.91 14.81 -3.58
C ILE A 161 -7.30 15.00 -2.99
N LYS A 162 -8.30 14.52 -3.70
CA LYS A 162 -9.70 14.64 -3.26
C LYS A 162 -9.90 13.88 -1.94
N ASN A 163 -9.35 12.67 -1.86
CA ASN A 163 -9.46 11.86 -0.67
C ASN A 163 -8.62 12.39 0.49
N ALA A 164 -7.53 13.06 0.16
CA ALA A 164 -6.65 13.66 1.18
C ALA A 164 -7.36 14.83 1.86
N LYS A 165 -8.04 15.65 1.05
CA LYS A 165 -8.79 16.80 1.58
C LYS A 165 -9.85 16.31 2.54
N TRP A 166 -10.55 15.25 2.16
CA TRP A 166 -11.59 14.68 2.98
C TRP A 166 -11.14 13.92 4.23
N PHE A 167 -10.16 13.03 4.05
CA PHE A 167 -9.72 12.17 5.15
C PHE A 167 -8.30 12.25 5.71
N LEU A 168 -7.34 12.79 4.97
CA LEU A 168 -5.98 12.82 5.46
C LEU A 168 -5.62 13.91 6.46
N LYS A 169 -5.11 13.48 7.62
CA LYS A 169 -4.70 14.38 8.68
C LYS A 169 -3.55 15.24 8.16
N LYS A 170 -3.42 16.46 8.69
CA LYS A 170 -2.32 17.33 8.29
C LYS A 170 -1.06 16.69 8.86
N GLY A 171 -0.04 16.50 8.03
CA GLY A 171 1.17 15.85 8.48
C GLY A 171 1.11 14.36 8.15
N GLY A 172 -0.07 13.91 7.75
CA GLY A 172 -0.26 12.52 7.36
C GLY A 172 0.44 12.25 6.05
N TYR A 173 0.34 11.02 5.54
CA TYR A 173 1.03 10.66 4.31
C TYR A 173 0.16 10.06 3.21
N GLY A 174 0.58 10.33 1.97
CA GLY A 174 -0.10 9.78 0.81
C GLY A 174 0.90 8.89 0.08
N MSE A 175 0.52 7.64 -0.15
CA MSE A 175 1.36 6.68 -0.86
C MSE A 175 0.60 6.34 -2.14
O MSE A 175 -0.55 5.90 -2.08
CB MSE A 175 1.58 5.41 -0.04
CG MSE A 175 2.30 5.62 1.29
SE MSE A 175 2.70 4.08 2.15
CE MSE A 175 4.26 3.68 1.38
N ILE A 176 1.22 6.56 -3.30
CA ILE A 176 0.54 6.27 -4.56
C ILE A 176 1.44 5.61 -5.61
N ALA A 177 1.00 4.44 -6.07
CA ALA A 177 1.72 3.69 -7.09
C ALA A 177 1.16 4.14 -8.43
N ILE A 178 1.99 4.82 -9.22
CA ILE A 178 1.56 5.32 -10.51
C ILE A 178 2.09 4.57 -11.74
N LYS A 179 1.16 4.10 -12.56
CA LYS A 179 1.48 3.41 -13.81
C LYS A 179 1.43 4.50 -14.87
N ALA A 180 2.60 4.91 -15.37
CA ALA A 180 2.68 5.97 -16.38
C ALA A 180 1.76 5.79 -17.58
N ARG A 181 1.73 4.59 -18.14
CA ARG A 181 0.91 4.30 -19.31
C ARG A 181 -0.60 4.38 -19.09
N SER A 182 -1.04 4.39 -17.83
CA SER A 182 -2.47 4.49 -17.53
C SER A 182 -2.94 5.95 -17.61
N ILE A 183 -1.96 6.86 -17.69
CA ILE A 183 -2.21 8.29 -17.77
C ILE A 183 -2.02 8.81 -19.20
N ASP A 184 -1.00 8.31 -19.88
CA ASP A 184 -0.69 8.74 -21.23
C ASP A 184 0.03 7.60 -21.97
N VAL A 185 -0.38 7.32 -23.20
CA VAL A 185 0.23 6.27 -24.01
C VAL A 185 1.25 6.76 -25.03
N THR A 186 1.46 8.07 -25.10
CA THR A 186 2.39 8.64 -26.06
C THR A 186 3.62 9.27 -25.42
N LYS A 187 3.40 10.10 -24.40
CA LYS A 187 4.49 10.79 -23.72
C LYS A 187 5.52 9.86 -23.11
N ASP A 188 6.70 10.41 -22.84
CA ASP A 188 7.78 9.64 -22.23
C ASP A 188 7.43 9.45 -20.76
N PRO A 189 7.55 8.22 -20.23
CA PRO A 189 7.24 7.95 -18.82
C PRO A 189 7.94 8.90 -17.86
N LYS A 190 9.17 9.26 -18.19
CA LYS A 190 9.96 10.17 -17.36
C LYS A 190 9.27 11.53 -17.27
N GLU A 191 8.67 11.97 -18.38
CA GLU A 191 7.97 13.24 -18.43
C GLU A 191 6.60 13.14 -17.75
N ILE A 192 5.96 11.98 -17.87
CA ILE A 192 4.66 11.73 -17.26
C ILE A 192 4.80 11.78 -15.73
N PHE A 193 5.82 11.11 -15.21
CA PHE A 193 6.06 11.08 -13.77
C PHE A 193 6.36 12.47 -13.23
N LYS A 194 7.10 13.25 -14.01
CA LYS A 194 7.46 14.63 -13.63
C LYS A 194 6.20 15.47 -13.48
N GLU A 195 5.30 15.36 -14.46
CA GLU A 195 4.04 16.09 -14.46
C GLU A 195 3.12 15.65 -13.33
N GLN A 196 3.12 14.35 -13.02
CA GLN A 196 2.30 13.82 -11.94
C GLN A 196 2.80 14.34 -10.61
N LYS A 197 4.12 14.37 -10.45
CA LYS A 197 4.73 14.88 -9.22
C LYS A 197 4.31 16.33 -9.00
N GLU A 198 4.29 17.12 -10.08
CA GLU A 198 3.87 18.51 -10.03
C GLU A 198 2.40 18.64 -9.61
N ILE A 199 1.56 17.78 -10.17
CA ILE A 199 0.12 17.80 -9.85
C ILE A 199 -0.09 17.52 -8.37
N LEU A 200 0.62 16.52 -7.84
CA LEU A 200 0.51 16.16 -6.43
C LEU A 200 1.00 17.30 -5.53
N GLU A 201 2.12 17.92 -5.90
CA GLU A 201 2.68 19.02 -5.12
C GLU A 201 1.76 20.24 -5.14
N ALA A 202 1.18 20.51 -6.31
CA ALA A 202 0.25 21.63 -6.46
C ALA A 202 -1.02 21.33 -5.66
N GLY A 203 -1.32 20.04 -5.49
CA GLY A 203 -2.48 19.61 -4.74
C GLY A 203 -2.37 19.69 -3.23
N GLY A 204 -1.14 19.81 -2.72
CA GLY A 204 -0.95 19.91 -1.28
C GLY A 204 0.03 18.92 -0.67
N PHE A 205 0.74 18.18 -1.50
CA PHE A 205 1.72 17.20 -1.03
C PHE A 205 3.16 17.67 -1.18
N LYS A 206 4.00 17.24 -0.24
CA LYS A 206 5.44 17.54 -0.30
C LYS A 206 6.01 16.14 -0.51
N ILE A 207 6.56 15.90 -1.70
CA ILE A 207 7.11 14.59 -2.03
C ILE A 207 8.40 14.27 -1.25
N VAL A 208 8.32 13.22 -0.43
CA VAL A 208 9.45 12.80 0.41
C VAL A 208 10.14 11.50 -0.02
N ASP A 209 9.53 10.78 -0.95
CA ASP A 209 10.12 9.53 -1.46
C ASP A 209 9.56 9.24 -2.85
N GLU A 210 10.37 8.55 -3.65
CA GLU A 210 10.01 8.18 -5.01
C GLU A 210 10.82 6.93 -5.34
N VAL A 211 10.11 5.84 -5.61
CA VAL A 211 10.75 4.56 -5.90
C VAL A 211 10.32 3.91 -7.22
N ASP A 212 11.30 3.68 -8.08
CA ASP A 212 11.05 3.01 -9.36
C ASP A 212 11.03 1.52 -9.01
N ILE A 213 9.86 0.90 -9.12
CA ILE A 213 9.73 -0.53 -8.81
C ILE A 213 9.96 -1.38 -10.06
N GLU A 214 10.77 -0.80 -10.95
CA GLU A 214 11.18 -1.32 -12.26
C GLU A 214 11.18 -2.81 -12.61
N PRO A 215 11.91 -3.66 -11.85
CA PRO A 215 11.87 -5.08 -12.25
C PRO A 215 10.47 -5.68 -12.14
N PHE A 216 9.86 -5.51 -10.97
CA PHE A 216 8.54 -6.05 -10.66
C PHE A 216 7.38 -5.48 -11.46
N GLU A 217 7.48 -4.20 -11.81
CA GLU A 217 6.45 -3.50 -12.60
C GLU A 217 7.15 -2.49 -13.52
N LYS A 218 6.87 -2.58 -14.81
CA LYS A 218 7.50 -1.66 -15.77
C LYS A 218 6.78 -0.32 -15.88
N ASP A 219 7.56 0.75 -15.77
CA ASP A 219 7.08 2.12 -15.82
C ASP A 219 6.05 2.44 -14.73
N HIS A 220 6.40 2.01 -13.51
CA HIS A 220 5.59 2.23 -12.31
C HIS A 220 6.51 2.88 -11.27
N VAL A 221 6.01 3.91 -10.61
CA VAL A 221 6.78 4.61 -9.57
C VAL A 221 5.90 4.85 -8.34
N MSE A 222 6.43 4.52 -7.16
CA MSE A 222 5.72 4.73 -5.91
C MSE A 222 6.11 6.10 -5.36
O MSE A 222 7.28 6.37 -5.12
CB MSE A 222 6.08 3.63 -4.89
CG MSE A 222 5.42 3.75 -3.51
SE MSE A 222 3.64 3.40 -3.49
CE MSE A 222 3.66 1.66 -3.32
N PHE A 223 5.13 6.98 -5.22
CA PHE A 223 5.35 8.31 -4.68
C PHE A 223 4.86 8.34 -3.23
N VAL A 224 5.59 9.04 -2.37
CA VAL A 224 5.21 9.20 -0.97
C VAL A 224 5.32 10.69 -0.68
N GLY A 225 4.26 11.26 -0.10
CA GLY A 225 4.28 12.67 0.21
C GLY A 225 3.56 12.99 1.50
N ILE A 226 3.99 14.07 2.16
CA ILE A 226 3.36 14.51 3.41
C ILE A 226 2.28 15.51 3.05
N TRP A 227 1.09 15.32 3.60
CA TRP A 227 -0.04 16.19 3.35
C TRP A 227 0.06 17.48 4.14
N GLU A 228 0.34 18.59 3.45
CA GLU A 228 0.48 19.90 4.07
C GLU A 228 -0.91 20.52 4.26
N GLY A 229 -1.71 20.49 3.20
CA GLY A 229 -3.05 21.07 3.24
C GLY A 229 -3.45 21.58 1.88
N LYS A 230 -4.49 22.42 1.84
CA LYS A 230 -4.99 23.00 0.57
C LYS A 230 -3.98 23.95 -0.08
#